data_4AJB
#
_entry.id   4AJB
#
_cell.length_a   103.054
_cell.length_b   103.054
_cell.length_c   150.339
_cell.angle_alpha   90.00
_cell.angle_beta   90.00
_cell.angle_gamma   90.00
#
_symmetry.space_group_name_H-M   'P 43 21 2'
#
loop_
_entity.id
_entity.type
_entity.pdbx_description
1 polymer 'NADP ISOCITRATE DEHYDROGENASE'
2 non-polymer '7-THIONICOTINAMIDE-ADENINE-DINUCLEOTIDE PHOSPHATE'
3 non-polymer 'ISOCITRIC ACID'
4 non-polymer 'MAGNESIUM ION'
5 non-polymer 'SULFATE ION'
6 water water
#
_entity_poly.entity_id   1
_entity_poly.type   'polypeptide(L)'
_entity_poly.pdbx_seq_one_letter_code
;MESKVVVPAQGKKITLQNGKLNVPENPIIPYIEGDGIGVDVTPAMLKVVDAAVEKAYKGERKISWMEIYTGEKSTQVYGQ
DVWLPAETLDLIREYRVAIMGPLTTPVGGGIRSLNVALRQELDLYICLRPVRYYQGTPSPVKHPELTDMVIFRENSEDIY
AGIEWKADSADAEKVIKFLREEMGVKKIRFPEHCGIGIKPCSEEGTKRLVRAAIEYAIANDRDSVTLVHKGNIMKFTEGA
FKDWGYQLAREEFGGELIDGGPWLKVKNPNTGKEIVIKDVIADAFLQQILLRPAEYDVIACMNLNGDYISDALAAQVGGI
GIAPGANIGDECALFEATHGTAPKYAGQDKVNPGSIILSAEMMLRHMGWTEAADLIVKGMEGAINAKTVTYDFERLMDGA
KLLKCSEFGDAIIENM
;
_entity_poly.pdbx_strand_id   A
#
# COMPACT_ATOMS: atom_id res chain seq x y z
N GLU A 2 21.84 13.35 18.21
CA GLU A 2 21.29 13.12 19.55
C GLU A 2 19.88 12.51 19.48
N SER A 3 19.82 11.21 19.24
CA SER A 3 18.54 10.52 19.07
C SER A 3 17.56 10.77 20.19
N LYS A 4 16.30 11.03 19.85
CA LYS A 4 15.24 11.09 20.85
C LYS A 4 14.37 9.84 20.84
N VAL A 5 14.79 8.83 20.08
CA VAL A 5 14.10 7.56 20.09
C VAL A 5 14.53 6.74 21.31
N VAL A 6 13.58 6.08 21.96
CA VAL A 6 13.87 5.26 23.13
C VAL A 6 13.64 3.79 22.85
N VAL A 7 14.72 3.02 22.79
CA VAL A 7 14.62 1.58 22.56
C VAL A 7 14.02 0.93 23.79
N PRO A 8 12.89 0.22 23.62
CA PRO A 8 12.21 -0.41 24.76
C PRO A 8 13.12 -1.35 25.54
N ALA A 9 13.11 -1.22 26.87
CA ALA A 9 13.90 -2.09 27.74
C ALA A 9 13.56 -3.56 27.52
N GLN A 10 12.27 -3.86 27.56
CA GLN A 10 11.78 -5.18 27.25
C GLN A 10 11.53 -5.17 25.76
N GLY A 11 11.98 -6.21 25.06
CA GLY A 11 11.76 -6.27 23.63
C GLY A 11 13.00 -6.70 22.89
N LYS A 12 12.77 -7.39 21.78
CA LYS A 12 13.87 -7.94 21.00
C LYS A 12 13.63 -7.67 19.51
N LYS A 13 14.73 -7.53 18.78
CA LYS A 13 14.71 -7.20 17.37
C LYS A 13 14.28 -8.40 16.51
N ILE A 14 13.37 -8.15 15.57
CA ILE A 14 13.05 -9.11 14.53
C ILE A 14 14.28 -9.28 13.65
N THR A 15 14.54 -10.50 13.18
CA THR A 15 15.67 -10.71 12.30
C THR A 15 15.20 -11.40 11.02
N LEU A 16 16.10 -11.45 10.05
CA LEU A 16 15.78 -12.00 8.74
C LEU A 16 16.84 -13.00 8.32
N GLN A 17 16.41 -14.24 8.06
CA GLN A 17 17.32 -15.28 7.61
C GLN A 17 16.71 -16.07 6.46
N ASN A 18 17.43 -16.13 5.34
CA ASN A 18 16.99 -16.91 4.19
C ASN A 18 15.66 -16.37 3.67
N GLY A 19 15.52 -15.04 3.66
CA GLY A 19 14.30 -14.40 3.22
C GLY A 19 13.10 -14.79 4.08
N LYS A 20 13.37 -15.22 5.31
CA LYS A 20 12.31 -15.56 6.24
C LYS A 20 12.45 -14.75 7.52
N LEU A 21 11.39 -14.04 7.91
CA LEU A 21 11.42 -13.27 9.16
C LEU A 21 11.46 -14.20 10.36
N ASN A 22 12.30 -13.86 11.33
CA ASN A 22 12.36 -14.54 12.59
C ASN A 22 11.82 -13.59 13.65
N VAL A 23 10.58 -13.82 14.07
CA VAL A 23 9.89 -12.91 14.97
C VAL A 23 9.83 -13.49 16.38
N PRO A 24 10.43 -12.79 17.35
CA PRO A 24 10.40 -13.25 18.74
C PRO A 24 9.02 -13.02 19.35
N GLU A 25 8.83 -13.49 20.57
CA GLU A 25 7.55 -13.33 21.25
CA GLU A 25 7.56 -13.34 21.27
C GLU A 25 7.33 -11.88 21.66
N ASN A 26 8.43 -11.14 21.81
CA ASN A 26 8.42 -9.77 22.27
C ASN A 26 9.08 -8.82 21.28
N PRO A 27 8.54 -8.72 20.05
CA PRO A 27 9.21 -7.92 19.03
C PRO A 27 9.10 -6.43 19.28
N ILE A 28 10.17 -5.70 18.98
CA ILE A 28 10.14 -4.25 18.97
C ILE A 28 9.62 -3.78 17.61
N ILE A 29 8.55 -2.99 17.61
CA ILE A 29 7.98 -2.48 16.35
C ILE A 29 8.01 -0.96 16.35
N PRO A 30 8.82 -0.37 15.45
CA PRO A 30 8.78 1.10 15.37
C PRO A 30 7.44 1.57 14.81
N TYR A 31 6.91 2.67 15.33
CA TYR A 31 5.74 3.27 14.71
C TYR A 31 5.90 4.79 14.62
N ILE A 32 5.36 5.34 13.54
CA ILE A 32 5.29 6.78 13.38
C ILE A 32 3.84 7.18 13.65
N GLU A 33 3.64 8.08 14.59
CA GLU A 33 2.29 8.44 15.00
C GLU A 33 1.48 9.00 13.84
N GLY A 34 2.15 9.80 13.01
CA GLY A 34 1.46 10.47 11.92
C GLY A 34 1.02 11.87 12.35
N ASP A 35 0.86 12.75 11.38
CA ASP A 35 0.44 14.12 11.66
C ASP A 35 -1.06 14.24 11.58
N GLY A 36 -1.61 15.41 11.88
CA GLY A 36 -3.05 15.58 11.85
C GLY A 36 -3.77 14.49 12.64
N ILE A 37 -4.70 13.79 11.99
CA ILE A 37 -5.53 12.78 12.65
C ILE A 37 -4.73 11.53 13.07
N GLY A 38 -3.44 11.50 12.76
CA GLY A 38 -2.58 10.48 13.31
C GLY A 38 -2.73 10.39 14.83
N VAL A 39 -2.92 11.55 15.46
CA VAL A 39 -3.06 11.58 16.92
C VAL A 39 -4.32 10.88 17.39
N ASP A 40 -5.32 10.75 16.52
CA ASP A 40 -6.54 10.01 16.84
C ASP A 40 -6.46 8.52 16.46
N VAL A 41 -6.02 8.23 15.25
CA VAL A 41 -6.13 6.84 14.76
C VAL A 41 -5.03 5.93 15.30
N THR A 42 -3.88 6.50 15.59
CA THR A 42 -2.74 5.68 16.04
C THR A 42 -2.97 5.02 17.42
N PRO A 43 -3.43 5.78 18.42
CA PRO A 43 -3.77 5.21 19.74
C PRO A 43 -4.83 4.12 19.61
N ALA A 44 -5.79 4.32 18.72
CA ALA A 44 -6.81 3.30 18.50
C ALA A 44 -6.18 2.05 17.91
N MET A 45 -5.26 2.24 16.97
CA MET A 45 -4.56 1.11 16.38
C MET A 45 -3.74 0.32 17.43
N LEU A 46 -3.01 1.04 18.28
CA LEU A 46 -2.17 0.38 19.28
C LEU A 46 -3.02 -0.47 20.21
N LYS A 47 -4.16 0.06 20.62
CA LYS A 47 -5.04 -0.64 21.54
C LYS A 47 -5.66 -1.87 20.90
N VAL A 48 -6.13 -1.73 19.66
CA VAL A 48 -6.74 -2.86 18.95
C VAL A 48 -5.73 -3.97 18.70
N VAL A 49 -4.54 -3.59 18.24
CA VAL A 49 -3.50 -4.57 17.99
C VAL A 49 -3.07 -5.28 19.28
N ASP A 50 -2.89 -4.53 20.37
CA ASP A 50 -2.49 -5.15 21.63
C ASP A 50 -3.54 -6.15 22.10
N ALA A 51 -4.81 -5.81 21.87
CA ALA A 51 -5.91 -6.69 22.30
C ALA A 51 -5.96 -7.96 21.48
N ALA A 52 -5.83 -7.82 20.17
CA ALA A 52 -5.77 -8.98 19.28
C ALA A 52 -4.60 -9.90 19.62
N VAL A 53 -3.44 -9.32 19.91
CA VAL A 53 -2.24 -10.10 20.21
C VAL A 53 -2.41 -10.81 21.56
N GLU A 54 -2.89 -10.06 22.55
CA GLU A 54 -3.15 -10.62 23.88
CA GLU A 54 -3.14 -10.63 23.87
C GLU A 54 -4.13 -11.79 23.79
N LYS A 55 -5.24 -11.58 23.08
CA LYS A 55 -6.26 -12.61 22.98
C LYS A 55 -5.80 -13.84 22.21
N ALA A 56 -5.10 -13.61 21.10
CA ALA A 56 -4.69 -14.70 20.22
C ALA A 56 -3.68 -15.62 20.89
N TYR A 57 -2.74 -15.05 21.62
CA TYR A 57 -1.64 -15.84 22.15
C TYR A 57 -1.62 -15.94 23.68
N LYS A 58 -2.74 -15.57 24.31
CA LYS A 58 -2.96 -15.75 25.74
C LYS A 58 -1.82 -15.16 26.55
N GLY A 59 -1.33 -14.00 26.12
CA GLY A 59 -0.30 -13.32 26.87
C GLY A 59 1.12 -13.76 26.62
N GLU A 60 1.33 -14.78 25.79
CA GLU A 60 2.68 -15.27 25.51
C GLU A 60 3.47 -14.28 24.65
N ARG A 61 2.75 -13.52 23.84
CA ARG A 61 3.38 -12.58 22.92
C ARG A 61 2.91 -11.15 23.21
N LYS A 62 3.79 -10.19 22.97
CA LYS A 62 3.47 -8.78 23.17
C LYS A 62 4.41 -7.91 22.36
N ILE A 63 3.84 -6.93 21.67
CA ILE A 63 4.66 -5.99 20.91
C ILE A 63 5.22 -4.92 21.83
N SER A 64 6.52 -4.66 21.70
CA SER A 64 7.13 -3.48 22.32
C SER A 64 7.17 -2.33 21.31
N TRP A 65 6.20 -1.43 21.41
CA TRP A 65 6.10 -0.33 20.46
C TRP A 65 7.19 0.69 20.73
N MET A 66 7.84 1.16 19.67
CA MET A 66 8.88 2.17 19.81
C MET A 66 8.57 3.34 18.89
N GLU A 67 8.29 4.53 19.45
CA GLU A 67 7.95 5.65 18.58
C GLU A 67 9.16 6.19 17.85
N ILE A 68 9.02 6.35 16.53
CA ILE A 68 10.01 7.02 15.70
C ILE A 68 9.32 8.15 14.91
N TYR A 69 10.10 8.95 14.20
CA TYR A 69 9.56 10.23 13.68
C TYR A 69 9.74 10.46 12.19
N THR A 70 8.71 11.06 11.59
CA THR A 70 8.78 11.60 10.24
C THR A 70 7.60 12.51 10.07
N GLY A 71 7.79 13.63 9.37
CA GLY A 71 6.68 14.52 9.11
C GLY A 71 6.75 15.76 9.99
N GLU A 72 5.62 16.42 10.20
CA GLU A 72 5.62 17.65 10.98
C GLU A 72 6.08 17.38 12.41
N LYS A 73 5.67 16.26 13.00
CA LYS A 73 6.12 15.93 14.36
C LYS A 73 7.64 15.81 14.44
N SER A 74 8.26 15.27 13.40
CA SER A 74 9.72 15.16 13.38
C SER A 74 10.38 16.55 13.49
N THR A 75 9.79 17.55 12.85
CA THR A 75 10.36 18.90 12.94
C THR A 75 10.26 19.42 14.37
N GLN A 76 9.20 19.04 15.08
CA GLN A 76 9.02 19.48 16.46
C GLN A 76 10.00 18.78 17.40
N VAL A 77 10.42 17.58 17.03
CA VAL A 77 11.31 16.79 17.86
C VAL A 77 12.78 17.03 17.52
N TYR A 78 13.10 16.98 16.22
CA TYR A 78 14.49 16.99 15.79
C TYR A 78 14.94 18.39 15.38
N GLY A 79 13.98 19.27 15.10
CA GLY A 79 14.34 20.59 14.63
C GLY A 79 13.80 21.01 13.29
N GLN A 80 13.99 22.29 13.01
CA GLN A 80 13.41 23.00 11.88
C GLN A 80 13.25 22.27 10.53
N ASP A 81 14.34 21.81 9.93
CA ASP A 81 14.22 21.22 8.59
CA ASP A 81 14.29 21.23 8.59
C ASP A 81 14.30 19.70 8.62
N VAL A 82 14.02 19.11 9.78
CA VAL A 82 14.12 17.66 9.89
C VAL A 82 12.77 16.98 9.68
N TRP A 83 12.37 16.84 8.42
CA TRP A 83 11.10 16.20 8.09
C TRP A 83 11.25 14.69 8.04
N LEU A 84 12.45 14.24 7.71
CA LEU A 84 12.72 12.81 7.62
C LEU A 84 14.14 12.55 8.10
N PRO A 85 14.29 12.23 9.39
CA PRO A 85 15.62 12.03 9.97
C PRO A 85 16.26 10.76 9.45
N ALA A 86 17.57 10.79 9.19
CA ALA A 86 18.26 9.61 8.69
C ALA A 86 18.05 8.45 9.64
N GLU A 87 17.89 8.76 10.91
CA GLU A 87 17.70 7.75 11.95
C GLU A 87 16.47 6.87 11.68
N THR A 88 15.42 7.49 11.14
CA THR A 88 14.19 6.76 10.87
C THR A 88 14.38 5.71 9.78
N LEU A 89 15.14 6.06 8.74
CA LEU A 89 15.48 5.08 7.72
C LEU A 89 16.30 3.94 8.31
N ASP A 90 17.26 4.27 9.18
CA ASP A 90 18.09 3.22 9.78
C ASP A 90 17.27 2.28 10.65
N LEU A 91 16.38 2.86 11.45
CA LEU A 91 15.60 2.09 12.41
C LEU A 91 14.60 1.16 11.72
N ILE A 92 13.95 1.63 10.66
CA ILE A 92 13.00 0.79 9.96
C ILE A 92 13.72 -0.41 9.34
N ARG A 93 14.86 -0.14 8.71
CA ARG A 93 15.65 -1.24 8.16
C ARG A 93 16.13 -2.19 9.25
N GLU A 94 16.59 -1.64 10.37
CA GLU A 94 17.16 -2.46 11.43
C GLU A 94 16.11 -3.34 12.12
N TYR A 95 14.91 -2.79 12.33
CA TYR A 95 13.86 -3.52 13.03
C TYR A 95 12.89 -4.29 12.12
N ARG A 96 13.03 -4.10 10.81
CA ARG A 96 12.40 -4.95 9.80
C ARG A 96 10.91 -4.68 9.53
N VAL A 97 10.15 -4.36 10.56
CA VAL A 97 8.70 -4.19 10.43
C VAL A 97 8.26 -2.93 11.16
N ALA A 98 7.55 -2.04 10.46
CA ALA A 98 7.12 -0.78 11.06
C ALA A 98 5.77 -0.34 10.50
N ILE A 99 5.12 0.60 11.18
CA ILE A 99 3.80 1.08 10.77
C ILE A 99 3.71 2.59 10.97
N MET A 100 2.94 3.27 10.12
CA MET A 100 2.85 4.73 10.26
C MET A 100 1.46 5.27 9.98
N GLY A 101 1.13 6.37 10.67
CA GLY A 101 -0.08 7.11 10.37
C GLY A 101 0.18 8.00 9.16
N PRO A 102 -0.78 8.87 8.84
CA PRO A 102 -0.61 9.74 7.67
C PRO A 102 0.47 10.79 7.94
N LEU A 103 1.12 11.29 6.89
CA LEU A 103 2.22 12.25 7.08
C LEU A 103 1.95 13.59 6.41
N THR A 104 2.37 14.67 7.08
CA THR A 104 2.33 15.98 6.45
C THR A 104 3.62 16.20 5.67
N THR A 105 3.50 16.36 4.35
CA THR A 105 4.62 16.79 3.52
C THR A 105 4.44 18.27 3.23
N PRO A 106 5.48 19.08 3.51
CA PRO A 106 5.31 20.53 3.36
C PRO A 106 5.25 20.94 1.90
N VAL A 107 4.60 22.06 1.62
CA VAL A 107 4.55 22.65 0.29
C VAL A 107 5.38 23.94 0.27
N GLY A 108 6.13 24.15 -0.79
CA GLY A 108 6.91 25.37 -0.93
C GLY A 108 8.36 25.24 -0.51
N GLY A 109 8.77 24.01 -0.20
CA GLY A 109 10.14 23.77 0.24
C GLY A 109 10.89 22.71 -0.54
N GLY A 110 10.27 22.15 -1.57
CA GLY A 110 10.92 21.16 -2.41
C GLY A 110 10.93 19.72 -1.90
N ILE A 111 9.76 19.22 -1.49
CA ILE A 111 9.59 17.80 -1.19
C ILE A 111 8.30 17.30 -1.83
N ARG A 112 8.37 16.26 -2.66
CA ARG A 112 7.18 15.79 -3.37
C ARG A 112 6.24 15.09 -2.40
N SER A 113 6.79 14.10 -1.69
CA SER A 113 5.99 13.28 -0.79
C SER A 113 6.92 12.50 0.12
N LEU A 114 6.72 12.66 1.43
CA LEU A 114 7.48 11.87 2.40
C LEU A 114 7.15 10.39 2.29
N ASN A 115 5.91 10.07 1.95
CA ASN A 115 5.55 8.67 1.76
C ASN A 115 6.36 8.06 0.64
N VAL A 116 6.47 8.78 -0.48
CA VAL A 116 7.26 8.31 -1.60
C VAL A 116 8.74 8.23 -1.22
N ALA A 117 9.23 9.23 -0.48
CA ALA A 117 10.62 9.21 -0.05
C ALA A 117 10.93 7.97 0.79
N LEU A 118 10.05 7.64 1.73
CA LEU A 118 10.25 6.44 2.55
C LEU A 118 10.35 5.19 1.66
N ARG A 119 9.41 5.07 0.72
CA ARG A 119 9.34 3.91 -0.16
C ARG A 119 10.61 3.75 -0.98
N GLN A 120 11.08 4.86 -1.56
CA GLN A 120 12.23 4.80 -2.45
C GLN A 120 13.55 4.62 -1.71
N GLU A 121 13.72 5.36 -0.62
CA GLU A 121 14.94 5.30 0.16
C GLU A 121 15.18 3.90 0.72
N LEU A 122 14.10 3.26 1.14
CA LEU A 122 14.18 1.93 1.73
C LEU A 122 14.02 0.82 0.68
N ASP A 123 13.84 1.20 -0.58
CA ASP A 123 13.65 0.24 -1.67
C ASP A 123 12.49 -0.72 -1.40
N LEU A 124 11.38 -0.17 -0.88
CA LEU A 124 10.18 -0.97 -0.67
C LEU A 124 9.41 -1.01 -1.98
N TYR A 125 9.80 -1.93 -2.86
CA TYR A 125 9.37 -1.88 -4.25
C TYR A 125 7.95 -2.39 -4.50
N ILE A 126 7.35 -3.01 -3.48
CA ILE A 126 5.95 -3.42 -3.57
C ILE A 126 5.06 -2.50 -2.77
N CYS A 127 4.12 -1.83 -3.44
CA CYS A 127 3.03 -1.20 -2.70
C CYS A 127 1.87 -2.18 -2.74
N LEU A 128 1.55 -2.79 -1.60
CA LEU A 128 0.55 -3.85 -1.54
C LEU A 128 -0.74 -3.30 -0.96
N ARG A 129 -1.80 -3.25 -1.77
CA ARG A 129 -3.07 -2.68 -1.34
C ARG A 129 -4.23 -3.62 -1.66
N PRO A 130 -4.62 -4.43 -0.67
CA PRO A 130 -5.78 -5.30 -0.86
C PRO A 130 -7.08 -4.49 -0.71
N VAL A 131 -8.05 -4.77 -1.56
CA VAL A 131 -9.34 -4.11 -1.49
C VAL A 131 -10.46 -5.15 -1.47
N ARG A 132 -11.13 -5.24 -0.34
CA ARG A 132 -12.28 -6.13 -0.18
C ARG A 132 -13.44 -5.34 0.40
N TYR A 133 -14.62 -5.94 0.42
CA TYR A 133 -15.80 -5.29 0.98
C TYR A 133 -16.11 -5.83 2.35
N TYR A 134 -16.45 -4.94 3.28
CA TYR A 134 -16.94 -5.35 4.59
C TYR A 134 -18.46 -5.17 4.61
N GLN A 135 -19.19 -6.27 4.72
CA GLN A 135 -20.64 -6.25 4.74
CA GLN A 135 -20.65 -6.26 4.75
C GLN A 135 -21.15 -5.15 5.67
N GLY A 136 -22.08 -4.34 5.17
CA GLY A 136 -22.64 -3.26 5.97
C GLY A 136 -22.03 -1.90 5.68
N THR A 137 -20.91 -1.86 4.95
CA THR A 137 -20.30 -0.59 4.59
C THR A 137 -21.14 0.11 3.53
N PRO A 138 -21.46 1.38 3.74
CA PRO A 138 -22.19 2.14 2.72
C PRO A 138 -21.32 2.33 1.48
N SER A 139 -21.84 2.00 0.30
CA SER A 139 -21.07 2.02 -0.94
C SER A 139 -21.86 2.73 -2.01
N PRO A 140 -21.17 3.43 -2.93
CA PRO A 140 -21.89 4.07 -4.03
C PRO A 140 -22.25 3.10 -5.16
N VAL A 141 -21.77 1.86 -5.08
CA VAL A 141 -22.07 0.92 -6.15
C VAL A 141 -23.06 -0.14 -5.68
N LYS A 142 -23.73 -0.77 -6.64
CA LYS A 142 -24.80 -1.72 -6.37
C LYS A 142 -24.30 -3.00 -5.75
N HIS A 143 -23.15 -3.49 -6.22
CA HIS A 143 -22.64 -4.79 -5.79
C HIS A 143 -21.18 -4.79 -5.36
N PRO A 144 -20.89 -4.04 -4.29
CA PRO A 144 -19.51 -3.93 -3.84
C PRO A 144 -18.95 -5.25 -3.34
N GLU A 145 -19.82 -6.20 -2.99
CA GLU A 145 -19.37 -7.47 -2.46
C GLU A 145 -18.63 -8.28 -3.52
N LEU A 146 -18.76 -7.87 -4.77
CA LEU A 146 -18.08 -8.58 -5.87
C LEU A 146 -16.61 -8.19 -5.99
N THR A 147 -16.20 -7.18 -5.24
CA THR A 147 -14.82 -6.73 -5.26
C THR A 147 -13.97 -7.39 -4.17
N ASP A 148 -12.97 -8.13 -4.62
CA ASP A 148 -12.05 -8.80 -3.73
C ASP A 148 -10.73 -8.93 -4.49
N MET A 149 -9.95 -7.86 -4.47
CA MET A 149 -8.75 -7.79 -5.28
C MET A 149 -7.55 -7.46 -4.42
N VAL A 150 -6.37 -7.71 -4.97
CA VAL A 150 -5.14 -7.36 -4.27
C VAL A 150 -4.20 -6.65 -5.25
N ILE A 151 -3.86 -5.41 -4.96
CA ILE A 151 -3.03 -4.61 -5.87
C ILE A 151 -1.55 -4.71 -5.52
N PHE A 152 -0.75 -5.16 -6.49
CA PHE A 152 0.69 -5.08 -6.42
C PHE A 152 1.15 -3.94 -7.31
N ARG A 153 1.40 -2.79 -6.68
CA ARG A 153 1.80 -1.57 -7.37
C ARG A 153 3.31 -1.42 -7.29
N GLU A 154 3.97 -1.33 -8.44
CA GLU A 154 5.42 -1.16 -8.48
C GLU A 154 5.76 0.17 -7.82
N ASN A 155 6.74 0.17 -6.91
CA ASN A 155 6.94 1.30 -6.01
C ASN A 155 8.27 2.04 -6.19
N SER A 156 9.11 1.63 -7.13
CA SER A 156 10.46 2.19 -7.19
C SER A 156 10.80 2.92 -8.49
N GLU A 157 9.98 2.75 -9.53
CA GLU A 157 10.25 3.38 -10.82
C GLU A 157 9.05 4.15 -11.35
N ASP A 158 8.91 4.19 -12.67
CA ASP A 158 7.86 4.99 -13.31
C ASP A 158 8.16 6.47 -13.11
N ILE A 159 7.20 7.30 -13.47
CA ILE A 159 7.32 8.74 -13.40
C ILE A 159 7.55 9.22 -11.96
N TYR A 160 7.34 8.33 -10.98
CA TYR A 160 7.62 8.62 -9.57
C TYR A 160 9.11 8.80 -9.26
N ALA A 161 9.97 8.43 -10.20
CA ALA A 161 11.40 8.59 -10.01
C ALA A 161 11.73 10.05 -9.67
N GLY A 162 10.87 10.97 -10.08
CA GLY A 162 11.04 12.37 -9.74
C GLY A 162 12.08 13.06 -10.59
N ILE A 163 12.22 12.62 -11.84
CA ILE A 163 13.17 13.21 -12.76
C ILE A 163 12.44 14.15 -13.72
N GLU A 164 12.60 15.46 -13.51
CA GLU A 164 11.88 16.45 -14.29
C GLU A 164 12.50 17.83 -14.10
N TRP A 165 12.20 18.73 -15.03
CA TRP A 165 12.76 20.08 -15.00
C TRP A 165 11.70 21.10 -15.40
N LYS A 166 11.73 22.25 -14.74
CA LYS A 166 10.73 23.29 -14.90
C LYS A 166 10.79 23.97 -16.26
N ALA A 167 9.63 24.33 -16.80
CA ALA A 167 9.57 25.03 -18.06
C ALA A 167 10.41 26.31 -17.99
N ASP A 168 11.16 26.59 -19.05
CA ASP A 168 11.99 27.80 -19.14
C ASP A 168 13.28 27.76 -18.31
N SER A 169 13.50 26.66 -17.59
CA SER A 169 14.74 26.49 -16.83
C SER A 169 15.91 26.15 -17.76
N ALA A 170 17.12 26.50 -17.34
CA ALA A 170 18.30 26.14 -18.12
C ALA A 170 18.36 24.62 -18.36
N ASP A 171 18.09 23.85 -17.32
CA ASP A 171 18.12 22.39 -17.45
C ASP A 171 17.09 21.87 -18.46
N ALA A 172 15.86 22.37 -18.38
CA ALA A 172 14.82 21.92 -19.30
C ALA A 172 15.24 22.19 -20.73
N GLU A 173 15.72 23.41 -20.98
CA GLU A 173 16.14 23.76 -22.34
C GLU A 173 17.29 22.89 -22.81
N LYS A 174 18.21 22.56 -21.90
CA LYS A 174 19.33 21.67 -22.20
C LYS A 174 18.84 20.26 -22.59
N VAL A 175 17.86 19.76 -21.86
CA VAL A 175 17.31 18.44 -22.19
C VAL A 175 16.59 18.48 -23.54
N ILE A 176 15.78 19.51 -23.74
CA ILE A 176 15.02 19.63 -24.98
C ILE A 176 15.96 19.75 -26.18
N LYS A 177 17.01 20.56 -26.05
CA LYS A 177 18.00 20.67 -27.11
C LYS A 177 18.60 19.30 -27.42
N PHE A 178 19.00 18.58 -26.39
CA PHE A 178 19.53 17.25 -26.58
C PHE A 178 18.55 16.37 -27.35
N LEU A 179 17.28 16.41 -26.95
CA LEU A 179 16.27 15.57 -27.59
C LEU A 179 16.09 15.89 -29.06
N ARG A 180 15.95 17.17 -29.36
CA ARG A 180 15.67 17.58 -30.73
C ARG A 180 16.91 17.43 -31.60
N GLU A 181 18.06 17.85 -31.09
CA GLU A 181 19.28 17.91 -31.89
C GLU A 181 20.06 16.60 -31.92
N GLU A 182 20.23 15.97 -30.76
CA GLU A 182 21.00 14.73 -30.69
C GLU A 182 20.15 13.49 -30.90
N MET A 183 18.92 13.48 -30.39
CA MET A 183 18.06 12.31 -30.55
C MET A 183 17.11 12.41 -31.75
N GLY A 184 17.11 13.57 -32.40
CA GLY A 184 16.30 13.79 -33.58
C GLY A 184 14.81 13.80 -33.30
N VAL A 185 14.43 14.19 -32.08
CA VAL A 185 13.02 14.19 -31.69
C VAL A 185 12.25 15.36 -32.32
N LYS A 186 11.17 15.03 -33.02
CA LYS A 186 10.34 16.06 -33.66
C LYS A 186 8.91 16.09 -33.12
N LYS A 187 8.66 15.29 -32.08
CA LYS A 187 7.30 15.07 -31.60
C LYS A 187 6.87 16.00 -30.46
N ILE A 188 7.76 16.90 -30.03
CA ILE A 188 7.39 17.85 -28.99
C ILE A 188 6.59 19.00 -29.60
N ARG A 189 5.29 19.04 -29.31
CA ARG A 189 4.40 19.99 -29.98
C ARG A 189 4.81 21.45 -29.76
N PHE A 190 5.11 21.77 -28.51
CA PHE A 190 5.53 23.12 -28.13
C PHE A 190 6.82 22.99 -27.29
N PRO A 191 7.98 23.18 -27.94
CA PRO A 191 9.25 23.03 -27.23
C PRO A 191 9.65 24.21 -26.35
N GLU A 192 8.96 25.34 -26.47
CA GLU A 192 9.24 26.49 -25.59
C GLU A 192 8.29 26.50 -24.40
N HIS A 193 8.77 27.00 -23.27
CA HIS A 193 7.96 27.10 -22.06
C HIS A 193 7.39 25.71 -21.74
N CYS A 194 8.25 24.71 -21.84
CA CYS A 194 7.84 23.32 -21.80
C CYS A 194 8.56 22.57 -20.67
N GLY A 195 7.79 22.06 -19.72
CA GLY A 195 8.31 21.17 -18.69
C GLY A 195 8.53 19.79 -19.25
N ILE A 196 9.48 19.06 -18.66
CA ILE A 196 9.86 17.75 -19.17
C ILE A 196 10.01 16.77 -17.99
N GLY A 197 9.40 15.60 -18.12
CA GLY A 197 9.56 14.54 -17.14
C GLY A 197 10.03 13.25 -17.80
N ILE A 198 10.77 12.43 -17.05
CA ILE A 198 11.29 11.18 -17.56
C ILE A 198 10.61 9.98 -16.89
N LYS A 199 10.17 9.02 -17.70
CA LYS A 199 9.52 7.80 -17.22
C LYS A 199 10.38 6.56 -17.49
N PRO A 200 11.05 6.03 -16.46
CA PRO A 200 11.81 4.79 -16.64
C PRO A 200 11.03 3.55 -16.23
N CYS A 201 11.26 2.45 -16.95
CA CYS A 201 10.73 1.15 -16.58
C CYS A 201 11.73 0.08 -16.99
N SER A 202 12.15 -0.74 -16.02
CA SER A 202 13.25 -1.68 -16.24
C SER A 202 12.79 -3.12 -16.14
N GLU A 203 13.61 -4.01 -16.72
CA GLU A 203 13.28 -5.42 -16.65
C GLU A 203 13.34 -5.89 -15.21
N GLU A 204 14.38 -5.46 -14.49
CA GLU A 204 14.56 -5.93 -13.12
C GLU A 204 13.46 -5.40 -12.20
N GLY A 205 13.13 -4.13 -12.37
CA GLY A 205 12.10 -3.48 -11.58
C GLY A 205 10.75 -4.13 -11.80
N THR A 206 10.42 -4.33 -13.07
CA THR A 206 9.20 -5.03 -13.44
C THR A 206 9.15 -6.44 -12.87
N LYS A 207 10.21 -7.22 -13.09
CA LYS A 207 10.13 -8.63 -12.73
C LYS A 207 10.08 -8.89 -11.22
N ARG A 208 10.80 -8.11 -10.42
CA ARG A 208 10.71 -8.31 -8.97
C ARG A 208 9.29 -8.00 -8.46
N LEU A 209 8.64 -7.03 -9.07
CA LEU A 209 7.25 -6.71 -8.69
C LEU A 209 6.31 -7.85 -9.09
N VAL A 210 6.34 -8.23 -10.36
CA VAL A 210 5.46 -9.28 -10.85
C VAL A 210 5.74 -10.62 -10.17
N ARG A 211 7.01 -10.90 -9.87
CA ARG A 211 7.38 -12.13 -9.15
C ARG A 211 6.63 -12.21 -7.83
N ALA A 212 6.64 -11.10 -7.09
CA ALA A 212 5.94 -11.05 -5.81
C ALA A 212 4.44 -11.26 -5.98
N ALA A 213 3.85 -10.68 -7.03
CA ALA A 213 2.43 -10.85 -7.29
C ALA A 213 2.06 -12.31 -7.57
N ILE A 214 2.88 -12.98 -8.37
CA ILE A 214 2.56 -14.38 -8.69
C ILE A 214 2.79 -15.26 -7.45
N GLU A 215 3.86 -15.01 -6.72
CA GLU A 215 4.11 -15.76 -5.48
C GLU A 215 2.95 -15.60 -4.50
N TYR A 216 2.37 -14.40 -4.47
CA TYR A 216 1.24 -14.12 -3.60
C TYR A 216 0.01 -14.89 -4.04
N ALA A 217 -0.24 -14.88 -5.35
CA ALA A 217 -1.37 -15.62 -5.90
C ALA A 217 -1.24 -17.11 -5.53
N ILE A 218 -0.01 -17.62 -5.60
CA ILE A 218 0.24 -19.01 -5.24
C ILE A 218 0.04 -19.26 -3.74
N ALA A 219 0.69 -18.43 -2.92
CA ALA A 219 0.63 -18.59 -1.46
C ALA A 219 -0.80 -18.50 -0.94
N ASN A 220 -1.62 -17.71 -1.62
CA ASN A 220 -2.97 -17.44 -1.13
C ASN A 220 -4.08 -18.05 -1.98
N ASP A 221 -3.67 -18.94 -2.89
CA ASP A 221 -4.61 -19.66 -3.75
C ASP A 221 -5.57 -18.71 -4.48
N ARG A 222 -5.03 -17.60 -5.00
CA ARG A 222 -5.85 -16.67 -5.77
C ARG A 222 -6.08 -17.19 -7.20
N ASP A 223 -7.04 -16.59 -7.89
CA ASP A 223 -7.52 -17.11 -9.18
C ASP A 223 -6.78 -16.61 -10.41
N SER A 224 -6.21 -15.41 -10.33
CA SER A 224 -5.60 -14.81 -11.51
C SER A 224 -4.73 -13.63 -11.12
N VAL A 225 -3.82 -13.30 -12.03
CA VAL A 225 -3.00 -12.11 -11.92
C VAL A 225 -3.19 -11.32 -13.21
N THR A 226 -3.63 -10.07 -13.09
CA THR A 226 -3.86 -9.24 -14.28
C THR A 226 -2.82 -8.15 -14.36
N LEU A 227 -2.10 -8.12 -15.46
CA LEU A 227 -1.13 -7.08 -15.72
C LEU A 227 -1.89 -5.91 -16.34
N VAL A 228 -1.89 -4.76 -15.65
CA VAL A 228 -2.61 -3.60 -16.14
C VAL A 228 -1.60 -2.54 -16.60
N HIS A 229 -1.83 -1.97 -17.77
CA HIS A 229 -0.81 -1.16 -18.43
C HIS A 229 -1.45 -0.33 -19.52
N LYS A 230 -0.74 0.70 -19.99
CA LYS A 230 -1.17 1.42 -21.19
C LYS A 230 -0.10 1.20 -22.28
N GLY A 231 0.15 -0.05 -22.59
CA GLY A 231 1.26 -0.41 -23.44
C GLY A 231 1.02 -0.14 -24.91
N ASN A 232 -0.22 0.14 -25.30
CA ASN A 232 -0.48 0.45 -26.70
C ASN A 232 0.03 1.85 -27.07
N ILE A 233 0.17 2.73 -26.08
CA ILE A 233 0.67 4.09 -26.30
C ILE A 233 2.11 4.24 -25.82
N MET A 234 2.42 3.66 -24.67
CA MET A 234 3.76 3.68 -24.13
C MET A 234 4.36 2.31 -24.32
N LYS A 235 4.84 2.05 -25.53
CA LYS A 235 5.25 0.70 -25.90
CA LYS A 235 5.28 0.71 -25.92
C LYS A 235 6.47 0.21 -25.12
N PHE A 236 7.40 1.11 -24.84
CA PHE A 236 8.69 0.71 -24.25
C PHE A 236 8.78 0.83 -22.74
N THR A 237 7.74 1.36 -22.12
CA THR A 237 7.68 1.38 -20.67
C THR A 237 6.54 0.49 -20.22
N GLU A 238 5.31 0.94 -20.44
CA GLU A 238 4.14 0.17 -20.04
C GLU A 238 3.99 -1.13 -20.84
N GLY A 239 4.27 -1.04 -22.13
CA GLY A 239 4.20 -2.23 -22.97
C GLY A 239 5.28 -3.23 -22.56
N ALA A 240 6.46 -2.71 -22.23
CA ALA A 240 7.56 -3.57 -21.80
C ALA A 240 7.21 -4.26 -20.48
N PHE A 241 6.58 -3.50 -19.57
CA PHE A 241 6.13 -4.03 -18.30
C PHE A 241 5.24 -5.25 -18.52
N LYS A 242 4.28 -5.12 -19.42
CA LYS A 242 3.37 -6.22 -19.72
C LYS A 242 4.12 -7.42 -20.30
N ASP A 243 4.98 -7.16 -21.29
CA ASP A 243 5.74 -8.24 -21.93
C ASP A 243 6.64 -8.97 -20.94
N TRP A 244 7.38 -8.22 -20.13
CA TRP A 244 8.27 -8.82 -19.13
C TRP A 244 7.47 -9.61 -18.09
N GLY A 245 6.25 -9.16 -17.81
CA GLY A 245 5.42 -9.85 -16.82
C GLY A 245 5.00 -11.22 -17.32
N TYR A 246 4.55 -11.26 -18.56
CA TYR A 246 4.19 -12.52 -19.18
C TYR A 246 5.43 -13.42 -19.28
N GLN A 247 6.55 -12.82 -19.69
CA GLN A 247 7.79 -13.60 -19.84
C GLN A 247 8.21 -14.22 -18.50
N LEU A 248 8.12 -13.44 -17.43
CA LEU A 248 8.47 -13.95 -16.11
C LEU A 248 7.59 -15.15 -15.76
N ALA A 249 6.29 -15.05 -16.05
CA ALA A 249 5.35 -16.13 -15.76
C ALA A 249 5.77 -17.40 -16.50
N ARG A 250 6.20 -17.25 -17.74
CA ARG A 250 6.62 -18.38 -18.56
C ARG A 250 7.95 -18.95 -18.07
N GLU A 251 8.89 -18.08 -17.77
CA GLU A 251 10.25 -18.51 -17.47
C GLU A 251 10.45 -19.05 -16.05
N GLU A 252 9.68 -18.52 -15.10
CA GLU A 252 9.88 -18.88 -13.70
C GLU A 252 8.73 -19.67 -13.09
N PHE A 253 7.57 -19.66 -13.74
CA PHE A 253 6.39 -20.29 -13.15
C PHE A 253 5.68 -21.29 -14.07
N GLY A 254 6.33 -21.67 -15.16
CA GLY A 254 5.78 -22.65 -16.08
C GLY A 254 4.51 -22.20 -16.79
N GLY A 255 4.34 -20.89 -16.93
CA GLY A 255 3.14 -20.37 -17.58
C GLY A 255 3.00 -20.93 -18.98
N GLU A 256 1.80 -21.44 -19.29
CA GLU A 256 1.51 -21.99 -20.61
C GLU A 256 0.35 -21.27 -21.27
N LEU A 257 0.42 -21.17 -22.60
CA LEU A 257 -0.60 -20.51 -23.40
C LEU A 257 -2.00 -21.07 -23.16
N ILE A 258 -2.96 -20.19 -22.90
CA ILE A 258 -4.36 -20.57 -22.92
C ILE A 258 -4.92 -20.33 -24.34
N ASP A 259 -5.48 -21.38 -24.95
CA ASP A 259 -6.03 -21.29 -26.29
CA ASP A 259 -6.04 -21.25 -26.28
C ASP A 259 -5.04 -20.64 -27.26
N GLY A 260 -5.44 -19.57 -27.93
CA GLY A 260 -4.58 -18.90 -28.88
C GLY A 260 -3.85 -17.70 -28.31
N GLY A 261 -3.86 -17.58 -26.98
CA GLY A 261 -3.23 -16.45 -26.32
C GLY A 261 -4.12 -15.22 -26.28
N PRO A 262 -3.66 -14.16 -25.62
CA PRO A 262 -2.34 -14.10 -25.01
C PRO A 262 -2.31 -14.52 -23.53
N TRP A 263 -3.45 -14.92 -22.97
CA TRP A 263 -3.46 -15.30 -21.56
C TRP A 263 -2.67 -16.58 -21.32
N LEU A 264 -2.11 -16.70 -20.12
CA LEU A 264 -1.36 -17.90 -19.74
C LEU A 264 -2.01 -18.58 -18.53
N LYS A 265 -1.73 -19.87 -18.36
CA LYS A 265 -2.11 -20.54 -17.12
C LYS A 265 -0.87 -20.95 -16.36
N VAL A 266 -0.88 -20.69 -15.05
CA VAL A 266 0.19 -21.09 -14.15
C VAL A 266 -0.39 -22.06 -13.13
N LYS A 267 0.22 -23.24 -13.02
CA LYS A 267 -0.28 -24.25 -12.11
C LYS A 267 0.17 -23.96 -10.69
N ASN A 268 -0.79 -23.86 -9.77
CA ASN A 268 -0.44 -23.66 -8.36
C ASN A 268 0.19 -24.96 -7.86
N PRO A 269 1.49 -24.92 -7.55
CA PRO A 269 2.21 -26.15 -7.17
C PRO A 269 1.72 -26.75 -5.85
N ASN A 270 0.92 -25.99 -5.10
CA ASN A 270 0.39 -26.47 -3.83
C ASN A 270 -1.03 -27.00 -3.93
N THR A 271 -1.87 -26.35 -4.72
CA THR A 271 -3.28 -26.72 -4.79
C THR A 271 -3.68 -27.29 -6.14
N GLY A 272 -2.77 -27.22 -7.11
CA GLY A 272 -3.09 -27.67 -8.45
C GLY A 272 -4.06 -26.75 -9.19
N LYS A 273 -4.48 -25.66 -8.55
CA LYS A 273 -5.35 -24.70 -9.21
C LYS A 273 -4.60 -24.04 -10.38
N GLU A 274 -5.30 -23.78 -11.48
CA GLU A 274 -4.68 -23.06 -12.59
C GLU A 274 -4.95 -21.57 -12.43
N ILE A 275 -3.87 -20.82 -12.22
CA ILE A 275 -3.94 -19.37 -12.06
C ILE A 275 -3.82 -18.73 -13.44
N VAL A 276 -4.81 -17.90 -13.80
CA VAL A 276 -4.77 -17.22 -15.09
C VAL A 276 -3.88 -15.98 -15.01
N ILE A 277 -2.97 -15.85 -15.98
CA ILE A 277 -2.20 -14.62 -16.15
C ILE A 277 -2.74 -13.90 -17.38
N LYS A 278 -3.24 -12.68 -17.19
CA LYS A 278 -3.87 -11.97 -18.30
C LYS A 278 -3.52 -10.50 -18.24
N ASP A 279 -4.07 -9.69 -19.13
CA ASP A 279 -3.73 -8.27 -19.12
C ASP A 279 -4.91 -7.45 -19.63
N VAL A 280 -5.01 -6.21 -19.15
CA VAL A 280 -6.06 -5.28 -19.57
C VAL A 280 -5.45 -3.89 -19.70
N ILE A 281 -5.85 -3.15 -20.74
CA ILE A 281 -5.36 -1.79 -20.92
C ILE A 281 -5.95 -0.91 -19.81
N ALA A 282 -5.15 0.02 -19.29
CA ALA A 282 -5.50 0.73 -18.05
C ALA A 282 -6.83 1.49 -18.09
N ASP A 283 -7.14 2.16 -19.19
CA ASP A 283 -8.39 2.92 -19.20
C ASP A 283 -9.56 1.94 -19.15
N ALA A 284 -9.48 0.91 -19.97
CA ALA A 284 -10.52 -0.11 -19.96
C ALA A 284 -10.63 -0.79 -18.58
N PHE A 285 -9.50 -0.97 -17.90
CA PHE A 285 -9.53 -1.65 -16.60
C PHE A 285 -10.35 -0.84 -15.59
N LEU A 286 -10.29 0.48 -15.67
CA LEU A 286 -11.07 1.32 -14.76
C LEU A 286 -12.58 1.17 -14.99
N GLN A 287 -12.94 0.69 -16.17
CA GLN A 287 -14.34 0.33 -16.45
C GLN A 287 -14.63 -1.07 -15.93
N GLN A 288 -13.72 -2.00 -16.18
CA GLN A 288 -13.89 -3.40 -15.81
C GLN A 288 -14.05 -3.61 -14.32
N ILE A 289 -13.37 -2.81 -13.52
CA ILE A 289 -13.49 -3.00 -12.08
C ILE A 289 -14.89 -2.62 -11.59
N LEU A 290 -15.60 -1.80 -12.36
CA LEU A 290 -16.98 -1.46 -12.00
C LEU A 290 -17.96 -2.42 -12.61
N LEU A 291 -17.68 -2.84 -13.84
CA LEU A 291 -18.64 -3.63 -14.63
C LEU A 291 -18.50 -5.14 -14.46
N ARG A 292 -17.26 -5.61 -14.27
CA ARG A 292 -17.02 -7.04 -14.09
C ARG A 292 -16.02 -7.34 -12.97
N PRO A 293 -16.26 -6.78 -11.77
CA PRO A 293 -15.29 -6.91 -10.68
C PRO A 293 -14.95 -8.35 -10.32
N ALA A 294 -15.91 -9.26 -10.48
CA ALA A 294 -15.68 -10.64 -10.04
C ALA A 294 -14.62 -11.33 -10.88
N GLU A 295 -14.31 -10.76 -12.04
CA GLU A 295 -13.34 -11.39 -12.94
CA GLU A 295 -13.34 -11.39 -12.94
C GLU A 295 -11.89 -11.07 -12.59
N TYR A 296 -11.68 -10.20 -11.59
CA TYR A 296 -10.34 -9.76 -11.25
C TYR A 296 -9.94 -10.10 -9.83
N ASP A 297 -8.64 -10.31 -9.64
CA ASP A 297 -8.18 -10.80 -8.36
C ASP A 297 -6.89 -10.09 -7.99
N VAL A 298 -5.75 -10.72 -8.26
CA VAL A 298 -4.47 -10.05 -8.04
C VAL A 298 -4.15 -9.15 -9.23
N ILE A 299 -3.75 -7.92 -8.96
CA ILE A 299 -3.45 -6.96 -10.01
C ILE A 299 -1.99 -6.59 -9.91
N ALA A 300 -1.29 -6.59 -11.05
CA ALA A 300 0.11 -6.15 -11.07
C ALA A 300 0.22 -4.99 -12.05
N CYS A 301 0.73 -3.86 -11.58
CA CYS A 301 0.80 -2.66 -12.42
C CYS A 301 1.93 -1.73 -12.00
N MET A 302 2.21 -0.73 -12.85
CA MET A 302 3.25 0.25 -12.54
C MET A 302 2.79 1.27 -11.50
N ASN A 303 3.73 2.11 -11.09
CA ASN A 303 3.56 3.00 -9.95
C ASN A 303 2.31 3.92 -10.10
N LEU A 304 2.26 4.70 -11.16
CA LEU A 304 1.15 5.65 -11.33
C LEU A 304 -0.19 4.94 -11.50
N ASN A 305 -0.24 3.94 -12.39
CA ASN A 305 -1.49 3.19 -12.56
C ASN A 305 -1.97 2.58 -11.24
N GLY A 306 -1.03 2.09 -10.45
CA GLY A 306 -1.35 1.50 -9.16
C GLY A 306 -1.93 2.53 -8.20
N ASP A 307 -1.38 3.74 -8.23
CA ASP A 307 -1.92 4.85 -7.44
C ASP A 307 -3.41 5.07 -7.77
N TYR A 308 -3.71 5.14 -9.06
CA TYR A 308 -5.07 5.41 -9.51
C TYR A 308 -6.02 4.25 -9.20
N ILE A 309 -5.61 3.04 -9.59
CA ILE A 309 -6.42 1.85 -9.37
C ILE A 309 -6.77 1.60 -7.90
N SER A 310 -5.79 1.76 -7.02
CA SER A 310 -6.00 1.55 -5.59
CA SER A 310 -6.05 1.50 -5.61
C SER A 310 -7.05 2.51 -5.03
N ASP A 311 -6.97 3.77 -5.45
CA ASP A 311 -7.97 4.76 -5.04
C ASP A 311 -9.36 4.45 -5.59
N ALA A 312 -9.43 4.12 -6.88
CA ALA A 312 -10.73 3.83 -7.52
C ALA A 312 -11.42 2.64 -6.85
N LEU A 313 -10.65 1.60 -6.56
CA LEU A 313 -11.22 0.39 -5.94
C LEU A 313 -11.65 0.70 -4.52
N ALA A 314 -10.82 1.44 -3.78
CA ALA A 314 -11.19 1.79 -2.41
C ALA A 314 -12.51 2.54 -2.37
N ALA A 315 -12.72 3.47 -3.31
CA ALA A 315 -13.95 4.26 -3.32
C ALA A 315 -15.16 3.38 -3.54
N GLN A 316 -15.04 2.39 -4.40
CA GLN A 316 -16.22 1.67 -4.82
C GLN A 316 -16.72 0.76 -3.71
N VAL A 317 -15.83 0.31 -2.82
CA VAL A 317 -16.27 -0.53 -1.71
C VAL A 317 -16.64 0.26 -0.48
N GLY A 318 -16.71 1.57 -0.62
CA GLY A 318 -17.03 2.44 0.49
C GLY A 318 -15.89 2.53 1.46
N GLY A 319 -14.69 2.17 1.00
CA GLY A 319 -13.53 2.07 1.88
C GLY A 319 -12.50 3.19 1.76
N ILE A 320 -12.92 4.36 1.29
CA ILE A 320 -12.01 5.49 1.17
C ILE A 320 -11.23 5.77 2.48
N GLY A 321 -11.85 5.51 3.63
CA GLY A 321 -11.23 5.79 4.92
C GLY A 321 -10.79 4.54 5.68
N ILE A 322 -10.93 3.38 5.07
CA ILE A 322 -10.53 2.15 5.75
C ILE A 322 -9.69 1.25 4.86
N ALA A 323 -9.01 1.84 3.89
CA ALA A 323 -8.22 1.09 2.94
C ALA A 323 -6.83 0.85 3.53
N PRO A 324 -6.45 -0.44 3.66
CA PRO A 324 -5.13 -0.75 4.21
C PRO A 324 -4.03 -0.69 3.14
N GLY A 325 -2.78 -0.58 3.57
CA GLY A 325 -1.68 -0.52 2.62
C GLY A 325 -0.37 -0.92 3.24
N ALA A 326 0.47 -1.57 2.46
CA ALA A 326 1.82 -1.89 2.90
C ALA A 326 2.82 -1.45 1.84
N ASN A 327 4.07 -1.24 2.28
CA ASN A 327 5.19 -1.05 1.36
C ASN A 327 6.24 -2.05 1.75
N ILE A 328 6.50 -3.00 0.85
CA ILE A 328 7.36 -4.14 1.21
C ILE A 328 8.58 -4.21 0.30
N GLY A 329 9.75 -4.43 0.91
CA GLY A 329 10.97 -4.65 0.17
C GLY A 329 11.62 -5.95 0.62
N ASP A 330 12.84 -6.22 0.14
CA ASP A 330 13.49 -7.48 0.52
C ASP A 330 14.10 -7.45 1.92
N GLU A 331 14.32 -6.25 2.47
CA GLU A 331 14.96 -6.14 3.77
C GLU A 331 14.05 -5.62 4.91
N CYS A 332 12.97 -4.93 4.54
CA CYS A 332 12.05 -4.44 5.56
C CYS A 332 10.68 -4.11 4.96
N ALA A 333 9.75 -3.69 5.79
CA ALA A 333 8.38 -3.41 5.35
C ALA A 333 7.77 -2.33 6.22
N LEU A 334 6.99 -1.46 5.60
CA LEU A 334 6.41 -0.32 6.28
C LEU A 334 4.93 -0.28 5.96
N PHE A 335 4.11 -0.46 6.98
CA PHE A 335 2.65 -0.47 6.84
C PHE A 335 2.10 0.93 7.11
N GLU A 336 1.03 1.34 6.41
CA GLU A 336 0.64 2.75 6.47
C GLU A 336 -0.88 2.99 6.39
N ALA A 337 -1.35 3.97 7.15
CA ALA A 337 -2.66 4.56 6.90
C ALA A 337 -2.57 5.15 5.49
N THR A 338 -3.60 4.96 4.68
CA THR A 338 -3.51 5.39 3.27
C THR A 338 -4.27 6.67 3.02
N HIS A 339 -5.00 7.16 4.03
CA HIS A 339 -5.71 8.42 3.90
C HIS A 339 -4.77 9.56 4.29
N GLY A 340 -5.26 10.79 4.20
CA GLY A 340 -4.47 11.97 4.51
C GLY A 340 -4.52 12.38 5.98
N THR A 341 -3.98 13.56 6.28
CA THR A 341 -3.89 14.03 7.68
C THR A 341 -5.17 14.69 8.20
N ALA A 342 -6.07 15.06 7.29
CA ALA A 342 -7.35 15.67 7.63
C ALA A 342 -7.31 16.57 8.88
N PRO A 343 -6.45 17.60 8.86
CA PRO A 343 -6.14 18.38 10.06
C PRO A 343 -7.35 19.07 10.71
N LYS A 344 -8.38 19.36 9.92
CA LYS A 344 -9.58 20.00 10.46
C LYS A 344 -10.25 19.16 11.55
N TYR A 345 -9.98 17.86 11.57
CA TYR A 345 -10.57 16.97 12.57
C TYR A 345 -9.58 16.49 13.62
N ALA A 346 -8.32 16.86 13.46
CA ALA A 346 -7.25 16.36 14.31
C ALA A 346 -7.55 16.57 15.79
N GLY A 347 -7.44 15.50 16.58
CA GLY A 347 -7.61 15.63 18.02
C GLY A 347 -9.05 15.59 18.49
N GLN A 348 -9.99 15.51 17.55
CA GLN A 348 -11.41 15.45 17.92
C GLN A 348 -11.90 14.03 18.15
N ASP A 349 -11.01 13.05 18.01
CA ASP A 349 -11.40 11.66 18.25
C ASP A 349 -12.62 11.33 17.41
N LYS A 350 -12.60 11.71 16.13
CA LYS A 350 -13.77 11.62 15.27
C LYS A 350 -13.63 10.69 14.06
N VAL A 351 -12.46 10.69 13.42
CA VAL A 351 -12.28 10.01 12.14
C VAL A 351 -12.18 8.49 12.28
N ASN A 352 -12.26 7.79 11.15
CA ASN A 352 -12.22 6.33 11.10
C ASN A 352 -10.80 5.81 11.26
N PRO A 353 -10.55 4.98 12.30
CA PRO A 353 -9.19 4.42 12.38
C PRO A 353 -9.08 3.12 11.60
N GLY A 354 -10.09 2.81 10.79
CA GLY A 354 -10.11 1.53 10.09
C GLY A 354 -8.94 1.30 9.16
N SER A 355 -8.49 2.35 8.48
CA SER A 355 -7.37 2.17 7.55
C SER A 355 -6.10 1.74 8.27
N ILE A 356 -5.69 2.48 9.27
CA ILE A 356 -4.46 2.13 9.97
C ILE A 356 -4.63 0.79 10.70
N ILE A 357 -5.83 0.51 11.21
CA ILE A 357 -6.08 -0.78 11.87
C ILE A 357 -5.93 -1.96 10.89
N LEU A 358 -6.47 -1.83 9.67
CA LEU A 358 -6.34 -2.92 8.70
C LEU A 358 -4.93 -2.99 8.11
N SER A 359 -4.20 -1.87 8.10
CA SER A 359 -2.78 -1.95 7.74
C SER A 359 -2.02 -2.70 8.82
N ALA A 360 -2.44 -2.54 10.08
CA ALA A 360 -1.82 -3.31 11.17
C ALA A 360 -2.17 -4.79 11.07
N GLU A 361 -3.38 -5.10 10.61
CA GLU A 361 -3.76 -6.48 10.31
C GLU A 361 -2.76 -7.07 9.30
N MET A 362 -2.47 -6.33 8.24
CA MET A 362 -1.48 -6.77 7.26
C MET A 362 -0.11 -6.98 7.92
N MET A 363 0.24 -6.07 8.81
CA MET A 363 1.53 -6.14 9.51
C MET A 363 1.63 -7.44 10.32
N LEU A 364 0.59 -7.72 11.09
CA LEU A 364 0.57 -8.94 11.91
C LEU A 364 0.67 -10.17 11.02
N ARG A 365 -0.07 -10.15 9.91
CA ARG A 365 -0.04 -11.29 8.99
C ARG A 365 1.37 -11.46 8.41
N HIS A 366 2.00 -10.34 8.06
CA HIS A 366 3.38 -10.32 7.54
C HIS A 366 4.35 -10.91 8.57
N MET A 367 4.07 -10.67 9.84
CA MET A 367 4.89 -11.21 10.94
C MET A 367 4.65 -12.69 11.20
N GLY A 368 3.65 -13.26 10.54
CA GLY A 368 3.30 -14.65 10.79
C GLY A 368 2.33 -14.81 11.95
N TRP A 369 1.87 -13.69 12.51
CA TRP A 369 0.91 -13.72 13.59
C TRP A 369 -0.51 -13.74 13.04
N THR A 370 -0.83 -14.81 12.32
CA THR A 370 -2.06 -14.84 11.55
C THR A 370 -3.31 -14.92 12.42
N GLU A 371 -3.19 -15.54 13.59
CA GLU A 371 -4.31 -15.60 14.52
C GLU A 371 -4.74 -14.22 15.00
N ALA A 372 -3.78 -13.40 15.40
CA ALA A 372 -4.08 -12.03 15.83
C ALA A 372 -4.67 -11.23 14.66
N ALA A 373 -4.12 -11.41 13.47
CA ALA A 373 -4.63 -10.75 12.27
C ALA A 373 -6.08 -11.15 11.99
N ASP A 374 -6.38 -12.45 12.11
CA ASP A 374 -7.74 -12.91 11.91
C ASP A 374 -8.72 -12.32 12.92
N LEU A 375 -8.26 -12.10 14.14
CA LEU A 375 -9.11 -11.47 15.16
C LEU A 375 -9.45 -10.03 14.79
N ILE A 376 -8.49 -9.30 14.22
CA ILE A 376 -8.79 -7.94 13.76
C ILE A 376 -9.82 -7.94 12.64
N VAL A 377 -9.63 -8.81 11.65
CA VAL A 377 -10.62 -8.92 10.58
C VAL A 377 -12.01 -9.25 11.14
N LYS A 378 -12.07 -10.23 12.03
CA LYS A 378 -13.34 -10.62 12.63
C LYS A 378 -13.96 -9.45 13.39
N GLY A 379 -13.12 -8.73 14.13
CA GLY A 379 -13.60 -7.58 14.89
C GLY A 379 -14.12 -6.48 13.98
N MET A 380 -13.37 -6.19 12.92
CA MET A 380 -13.79 -5.16 11.98
C MET A 380 -15.12 -5.56 11.33
N GLU A 381 -15.22 -6.81 10.89
CA GLU A 381 -16.44 -7.30 10.27
C GLU A 381 -17.65 -7.16 11.21
N GLY A 382 -17.47 -7.54 12.48
CA GLY A 382 -18.55 -7.49 13.45
C GLY A 382 -19.01 -6.07 13.73
N ALA A 383 -18.07 -5.17 13.96
CA ALA A 383 -18.38 -3.78 14.28
C ALA A 383 -19.14 -3.12 13.15
N ILE A 384 -18.71 -3.36 11.92
CA ILE A 384 -19.35 -2.71 10.78
C ILE A 384 -20.75 -3.30 10.60
N ASN A 385 -20.86 -4.63 10.67
CA ASN A 385 -22.14 -5.32 10.61
CA ASN A 385 -22.15 -5.29 10.58
C ASN A 385 -23.13 -4.83 11.67
N ALA A 386 -22.59 -4.51 12.85
CA ALA A 386 -23.39 -4.01 13.95
C ALA A 386 -23.89 -2.59 13.76
N LYS A 387 -23.38 -1.91 12.72
CA LYS A 387 -23.70 -0.51 12.47
C LYS A 387 -23.28 0.40 13.62
N THR A 388 -22.26 -0.02 14.34
CA THR A 388 -21.66 0.84 15.35
C THR A 388 -20.39 1.39 14.72
N VAL A 389 -20.48 2.60 14.17
CA VAL A 389 -19.46 3.11 13.25
C VAL A 389 -19.15 4.60 13.43
N THR A 390 -18.02 5.04 12.88
CA THR A 390 -17.61 6.44 12.94
C THR A 390 -18.42 7.30 11.97
N TYR A 391 -18.32 8.62 12.11
CA TYR A 391 -19.21 9.56 11.41
C TYR A 391 -19.26 9.37 9.90
N ASP A 392 -18.13 8.97 9.32
CA ASP A 392 -18.01 8.87 7.88
C ASP A 392 -18.88 7.76 7.31
N PHE A 393 -19.13 6.72 8.10
CA PHE A 393 -20.05 5.68 7.69
C PHE A 393 -21.46 6.07 8.12
N GLU A 394 -21.57 6.54 9.36
CA GLU A 394 -22.86 6.81 9.98
C GLU A 394 -23.71 7.79 9.15
N ARG A 395 -23.09 8.85 8.65
CA ARG A 395 -23.82 9.85 7.89
C ARG A 395 -24.38 9.31 6.58
N LEU A 396 -23.92 8.14 6.16
CA LEU A 396 -24.41 7.55 4.92
C LEU A 396 -25.43 6.45 5.17
N MET A 397 -25.72 6.20 6.44
CA MET A 397 -26.58 5.10 6.82
C MET A 397 -27.80 5.56 7.58
N ASP A 398 -28.80 4.69 7.66
CA ASP A 398 -29.94 4.88 8.54
C ASP A 398 -29.87 3.86 9.66
N GLY A 399 -30.20 4.29 10.87
CA GLY A 399 -30.27 3.40 12.00
C GLY A 399 -28.92 2.89 12.46
N ALA A 400 -27.89 3.73 12.31
CA ALA A 400 -26.56 3.39 12.78
C ALA A 400 -26.31 4.08 14.10
N LYS A 401 -25.37 3.56 14.88
CA LYS A 401 -24.96 4.22 16.11
C LYS A 401 -23.64 4.94 15.90
N LEU A 402 -23.63 6.24 16.12
CA LEU A 402 -22.43 7.05 15.94
C LEU A 402 -21.39 6.81 17.03
N LEU A 403 -20.19 6.39 16.61
CA LEU A 403 -19.09 6.17 17.54
C LEU A 403 -17.94 7.12 17.27
N LYS A 404 -17.27 7.53 18.34
CA LYS A 404 -15.99 8.20 18.23
C LYS A 404 -14.94 7.23 17.68
N CYS A 405 -13.82 7.79 17.25
CA CYS A 405 -12.69 7.01 16.75
C CYS A 405 -12.27 5.97 17.81
N SER A 406 -11.94 6.44 19.00
CA SER A 406 -11.57 5.56 20.11
C SER A 406 -12.64 4.49 20.36
N GLU A 407 -13.91 4.91 20.34
CA GLU A 407 -15.02 3.99 20.59
C GLU A 407 -15.15 2.92 19.51
N PHE A 408 -14.89 3.29 18.26
CA PHE A 408 -14.91 2.31 17.17
C PHE A 408 -13.78 1.30 17.36
N GLY A 409 -12.64 1.77 17.83
CA GLY A 409 -11.55 0.87 18.19
C GLY A 409 -12.05 -0.14 19.20
N ASP A 410 -12.77 0.33 20.22
CA ASP A 410 -13.32 -0.56 21.23
C ASP A 410 -14.33 -1.54 20.67
N ALA A 411 -15.16 -1.07 19.73
CA ALA A 411 -16.16 -1.93 19.12
C ALA A 411 -15.50 -3.06 18.34
N ILE A 412 -14.36 -2.77 17.73
CA ILE A 412 -13.61 -3.81 17.04
C ILE A 412 -13.17 -4.89 18.03
N ILE A 413 -12.61 -4.46 19.14
CA ILE A 413 -12.19 -5.40 20.19
C ILE A 413 -13.40 -6.20 20.71
N GLU A 414 -14.51 -5.51 20.96
CA GLU A 414 -15.74 -6.13 21.45
C GLU A 414 -16.22 -7.24 20.51
N ASN A 415 -15.90 -7.12 19.23
CA ASN A 415 -16.32 -8.12 18.24
C ASN A 415 -15.31 -9.20 17.91
N MET A 416 -14.18 -9.22 18.60
CA MET A 416 -13.18 -10.25 18.37
C MET A 416 -13.61 -11.58 18.98
#